data_3MF2
#
_entry.id   3MF2
#
_cell.length_a   127.670
_cell.length_b   100.240
_cell.length_c   50.230
_cell.angle_alpha   90.000
_cell.angle_beta   90.000
_cell.angle_gamma   90.000
#
_symmetry.space_group_name_H-M   'P 21 21 2'
#
loop_
_entity.id
_entity.type
_entity.pdbx_description
1 polymer 'Bll0957 protein'
2 non-polymer 'ZINC ION'
3 non-polymer 'ADENOSINE MONOPHOSPHATE'
4 non-polymer GLYCEROL
5 water water
#
_entity_poly.entity_id   1
_entity_poly.type   'polypeptide(L)'
_entity_poly.pdbx_seq_one_letter_code
;MGSSHHHHHHSSGLVPRGSHMNIAVLPNSPDTAPQIADPLDHLADKLFHSMGSDGVYARTALYESIVERLAALITSHREA
GTEALRFPPVMSRAQLEKSGYLKSFPNLLGCVCGLHGTEREINAAVSRFDAGGDWTTSLSPADLVLSPAACYPVYPIAAS
RGPLPKGGLRFDVAADCFRREPSKHLDRLQSFRMREYVCIGTPDDVSDFRERWMVRAQAIARDLGLTFRVDYASDPFFGR
VGQMKAVSQKQQQLKFELLIPLRSEEQPTACMSFNYHREHFGTTWGIQDANGEPAHTGCVAFGMDRLAVAMFHTHGTDLS
AWPAKVRDILGLQPHVAAGAHGEGWR
;
_entity_poly.pdbx_strand_id   A,B
#
# COMPACT_ATOMS: atom_id res chain seq x y z
N ALA A 37 4.41 12.11 -27.93
CA ALA A 37 4.46 10.90 -27.10
C ALA A 37 5.75 10.81 -26.30
N ASP A 38 5.64 10.40 -25.02
CA ASP A 38 6.78 10.24 -24.13
C ASP A 38 7.52 8.93 -24.49
N PRO A 39 8.88 8.88 -24.43
CA PRO A 39 9.60 7.64 -24.78
C PRO A 39 9.19 6.38 -23.99
N LEU A 40 8.64 6.54 -22.77
CA LEU A 40 8.20 5.42 -21.92
C LEU A 40 6.81 4.93 -22.23
N ASP A 41 6.00 5.71 -22.95
CA ASP A 41 4.59 5.41 -23.27
C ASP A 41 4.31 4.06 -23.84
N HIS A 42 5.20 3.57 -24.71
CA HIS A 42 5.08 2.26 -25.37
C HIS A 42 5.05 1.08 -24.37
N LEU A 43 5.55 1.28 -23.14
CA LEU A 43 5.61 0.25 -22.08
C LEU A 43 4.29 0.03 -21.38
N ALA A 44 3.45 1.08 -21.36
CA ALA A 44 2.18 1.09 -20.65
C ALA A 44 1.29 -0.15 -20.84
N ASP A 45 1.10 -0.62 -22.09
CA ASP A 45 0.25 -1.78 -22.41
C ASP A 45 0.61 -3.11 -21.71
N LYS A 46 1.90 -3.45 -21.64
CA LYS A 46 2.38 -4.69 -21.03
C LYS A 46 2.56 -4.60 -19.54
N LEU A 47 2.66 -3.37 -19.02
CA LEU A 47 3.00 -3.19 -17.62
C LEU A 47 1.86 -2.73 -16.73
N PHE A 48 0.96 -1.89 -17.28
CA PHE A 48 -0.09 -1.26 -16.50
C PHE A 48 -1.47 -1.33 -17.11
N HIS A 49 -2.50 -1.07 -16.26
CA HIS A 49 -3.88 -0.89 -16.68
C HIS A 49 -4.32 0.38 -16.01
N SER A 50 -5.10 1.19 -16.73
CA SER A 50 -5.61 2.44 -16.23
C SER A 50 -6.56 2.18 -15.05
N MET A 51 -6.54 3.10 -14.09
CA MET A 51 -7.42 3.05 -12.93
C MET A 51 -8.26 4.31 -12.86
N GLY A 52 -8.23 5.07 -13.96
CA GLY A 52 -8.98 6.30 -14.10
C GLY A 52 -8.35 7.50 -13.43
N SER A 53 -7.04 7.43 -13.14
CA SER A 53 -6.33 8.54 -12.51
C SER A 53 -4.86 8.49 -12.90
N ASP A 54 -4.34 9.61 -13.38
CA ASP A 54 -2.94 9.75 -13.80
C ASP A 54 -1.99 9.44 -12.65
N GLY A 55 -1.02 8.59 -12.90
CA GLY A 55 -0.03 8.20 -11.90
C GLY A 55 -0.51 7.16 -10.92
N VAL A 56 -1.70 6.56 -11.18
CA VAL A 56 -2.30 5.52 -10.34
C VAL A 56 -2.68 4.37 -11.28
N TYR A 57 -1.90 3.30 -11.26
CA TYR A 57 -2.10 2.20 -12.20
C TYR A 57 -2.13 0.85 -11.55
N ALA A 58 -2.90 -0.06 -12.17
CA ALA A 58 -2.95 -1.47 -11.78
C ALA A 58 -1.71 -2.09 -12.43
N ARG A 59 -0.99 -2.97 -11.71
CA ARG A 59 0.21 -3.61 -12.23
C ARG A 59 -0.11 -4.98 -12.82
N THR A 60 0.50 -5.33 -13.96
CA THR A 60 0.33 -6.66 -14.56
C THR A 60 1.22 -7.64 -13.83
N ALA A 61 0.96 -8.95 -14.00
CA ALA A 61 1.77 -9.99 -13.36
C ALA A 61 3.24 -9.85 -13.83
N LEU A 62 3.46 -9.53 -15.12
CA LEU A 62 4.82 -9.32 -15.64
C LEU A 62 5.55 -8.20 -14.86
N TYR A 63 4.95 -7.02 -14.77
CA TYR A 63 5.52 -5.89 -14.03
C TYR A 63 5.82 -6.23 -12.55
N GLU A 64 4.81 -6.76 -11.85
CA GLU A 64 4.92 -7.12 -10.44
C GLU A 64 5.97 -8.18 -10.17
N SER A 65 6.15 -9.18 -11.06
CA SER A 65 7.19 -10.21 -10.85
C SER A 65 8.60 -9.57 -10.84
N ILE A 66 8.83 -8.53 -11.69
CA ILE A 66 10.10 -7.82 -11.72
C ILE A 66 10.29 -6.95 -10.46
N VAL A 67 9.22 -6.21 -10.01
CA VAL A 67 9.30 -5.41 -8.76
C VAL A 67 9.74 -6.36 -7.59
N GLU A 68 9.11 -7.53 -7.47
CA GLU A 68 9.39 -8.51 -6.40
C GLU A 68 10.81 -9.06 -6.51
N ARG A 69 11.29 -9.30 -7.74
CA ARG A 69 12.66 -9.80 -7.94
C ARG A 69 13.68 -8.72 -7.59
N LEU A 70 13.37 -7.46 -7.92
CA LEU A 70 14.22 -6.33 -7.54
C LEU A 70 14.22 -6.16 -6.02
N ALA A 71 13.05 -6.35 -5.36
CA ALA A 71 12.92 -6.27 -3.88
C ALA A 71 13.78 -7.35 -3.21
N ALA A 72 13.73 -8.60 -3.75
CA ALA A 72 14.53 -9.73 -3.23
C ALA A 72 16.02 -9.44 -3.43
N LEU A 73 16.41 -8.81 -4.56
CA LEU A 73 17.81 -8.44 -4.82
C LEU A 73 18.31 -7.40 -3.79
N ILE A 74 17.47 -6.37 -3.47
CA ILE A 74 17.84 -5.36 -2.48
C ILE A 74 18.02 -6.02 -1.12
N THR A 75 17.12 -6.95 -0.77
CA THR A 75 17.14 -7.73 0.47
C THR A 75 18.45 -8.54 0.63
N SER A 76 18.93 -9.19 -0.46
CA SER A 76 20.17 -9.98 -0.45
C SER A 76 21.40 -9.12 -0.07
N HIS A 77 21.30 -7.77 -0.23
CA HIS A 77 22.35 -6.80 0.08
C HIS A 77 22.19 -6.22 1.48
N ARG A 78 21.20 -6.71 2.24
CA ARG A 78 20.95 -6.25 3.61
C ARG A 78 22.13 -6.63 4.55
N GLU A 79 22.74 -5.61 5.20
CA GLU A 79 23.84 -5.77 6.17
C GLU A 79 23.36 -6.53 7.40
N ALA A 80 24.26 -7.25 8.08
CA ALA A 80 23.95 -7.99 9.31
C ALA A 80 23.57 -6.98 10.41
N GLY A 81 22.60 -7.33 11.25
CA GLY A 81 22.12 -6.46 12.31
C GLY A 81 21.11 -5.39 11.88
N THR A 82 20.63 -5.45 10.62
CA THR A 82 19.62 -4.52 10.09
C THR A 82 18.23 -5.03 10.42
N GLU A 83 17.41 -4.20 11.08
CA GLU A 83 16.05 -4.53 11.48
C GLU A 83 15.08 -4.16 10.35
N ALA A 84 14.35 -5.15 9.84
CA ALA A 84 13.38 -4.97 8.76
C ALA A 84 11.99 -4.65 9.32
N LEU A 85 11.42 -3.52 8.86
CA LEU A 85 10.04 -3.11 9.22
C LEU A 85 9.28 -2.84 7.94
N ARG A 86 8.01 -3.21 7.92
CA ARG A 86 7.18 -2.98 6.75
C ARG A 86 6.02 -2.09 7.18
N PHE A 87 5.95 -0.90 6.57
CA PHE A 87 4.93 0.08 6.94
C PHE A 87 3.71 0.03 6.05
N PRO A 88 2.52 0.32 6.61
CA PRO A 88 1.32 0.40 5.77
C PRO A 88 1.35 1.69 4.92
N PRO A 89 0.39 1.91 3.99
CA PRO A 89 0.42 3.12 3.17
C PRO A 89 -0.02 4.41 3.87
N VAL A 90 -0.41 4.31 5.14
CA VAL A 90 -0.82 5.47 5.93
C VAL A 90 0.06 5.59 7.15
N MET A 91 0.20 6.81 7.68
CA MET A 91 0.94 7.02 8.93
C MET A 91 0.26 8.14 9.73
N SER A 92 0.71 8.35 10.97
CA SER A 92 0.17 9.39 11.85
C SER A 92 0.40 10.77 11.25
N ARG A 93 -0.69 11.55 11.14
CA ARG A 93 -0.60 12.91 10.61
C ARG A 93 0.23 13.79 11.58
N ALA A 94 0.07 13.59 12.90
CA ALA A 94 0.84 14.36 13.90
C ALA A 94 2.35 14.08 13.79
N GLN A 95 2.76 12.77 13.61
CA GLN A 95 4.18 12.45 13.38
C GLN A 95 4.66 13.15 12.12
N LEU A 96 3.86 13.14 11.04
CA LEU A 96 4.33 13.79 9.82
C LEU A 96 4.43 15.30 9.97
N GLU A 97 3.45 15.92 10.65
CA GLU A 97 3.48 17.37 10.90
C GLU A 97 4.73 17.71 11.74
N LYS A 98 4.98 16.91 12.79
CA LYS A 98 6.11 17.09 13.70
C LYS A 98 7.46 16.98 12.96
N SER A 99 7.55 16.04 11.98
N SER A 99 7.56 16.04 11.98
CA SER A 99 8.75 15.81 11.15
CA SER A 99 8.79 15.84 11.17
C SER A 99 9.10 17.00 10.22
C SER A 99 9.13 17.04 10.25
N GLY A 100 8.23 18.01 10.14
CA GLY A 100 8.43 19.21 9.32
C GLY A 100 8.05 19.11 7.85
N TYR A 101 7.30 18.05 7.47
CA TYR A 101 6.86 17.81 6.08
C TYR A 101 6.04 18.91 5.43
N LEU A 102 5.12 19.54 6.21
CA LEU A 102 4.27 20.64 5.70
C LEU A 102 5.07 21.85 5.40
N LYS A 103 6.15 22.05 6.11
CA LYS A 103 7.01 23.18 5.86
C LYS A 103 7.80 22.97 4.55
N SER A 104 8.05 21.70 4.18
CA SER A 104 8.86 21.40 3.00
C SER A 104 8.08 21.11 1.73
N PHE A 105 7.13 20.15 1.78
CA PHE A 105 6.39 19.66 0.63
C PHE A 105 4.87 19.65 0.88
N PRO A 106 4.26 20.80 1.28
CA PRO A 106 2.80 20.82 1.54
C PRO A 106 1.96 20.43 0.34
N ASN A 107 2.41 20.81 -0.86
CA ASN A 107 1.71 20.55 -2.12
C ASN A 107 1.70 19.05 -2.54
N LEU A 108 2.59 18.21 -1.92
CA LEU A 108 2.69 16.78 -2.23
C LEU A 108 1.92 15.90 -1.29
N LEU A 109 1.56 16.43 -0.12
CA LEU A 109 0.91 15.65 0.91
C LEU A 109 -0.51 15.21 0.58
N GLY A 110 -0.77 13.92 0.79
CA GLY A 110 -2.11 13.34 0.69
C GLY A 110 -2.61 13.09 2.09
N CYS A 111 -3.71 13.77 2.48
CA CYS A 111 -4.27 13.63 3.85
C CYS A 111 -5.48 12.73 3.78
N VAL A 112 -5.69 11.91 4.82
CA VAL A 112 -6.86 11.03 4.83
C VAL A 112 -8.00 11.89 5.40
N CYS A 113 -9.15 11.90 4.71
N CYS A 113 -9.15 11.89 4.72
CA CYS A 113 -10.36 12.65 5.09
CA CYS A 113 -10.36 12.58 5.15
C CYS A 113 -11.56 11.70 5.11
C CYS A 113 -11.44 11.55 5.30
N GLY A 114 -12.43 11.87 6.11
CA GLY A 114 -13.62 11.03 6.29
C GLY A 114 -14.84 11.81 6.73
N LEU A 115 -16.00 11.14 6.73
CA LEU A 115 -17.28 11.68 7.23
C LEU A 115 -17.27 11.34 8.72
N HIS A 116 -16.84 12.29 9.55
CA HIS A 116 -16.68 12.12 11.00
C HIS A 116 -17.82 12.67 11.86
N GLY A 117 -18.90 13.12 11.22
CA GLY A 117 -20.03 13.72 11.94
C GLY A 117 -20.95 12.73 12.62
N THR A 118 -22.14 13.23 13.01
CA THR A 118 -23.20 12.46 13.65
C THR A 118 -23.90 11.64 12.57
N GLU A 119 -24.70 10.60 12.96
CA GLU A 119 -25.45 9.78 12.00
C GLU A 119 -26.34 10.66 11.11
N ARG A 120 -26.98 11.69 11.72
CA ARG A 120 -27.84 12.65 11.04
C ARG A 120 -27.06 13.35 9.92
N GLU A 121 -25.85 13.86 10.25
CA GLU A 121 -24.97 14.55 9.30
C GLU A 121 -24.48 13.65 8.18
N ILE A 122 -24.12 12.40 8.50
CA ILE A 122 -23.64 11.43 7.51
C ILE A 122 -24.76 11.04 6.56
N ASN A 123 -25.98 10.76 7.10
CA ASN A 123 -27.15 10.43 6.27
C ASN A 123 -27.46 11.58 5.30
N ALA A 124 -27.38 12.84 5.77
CA ALA A 124 -27.63 14.01 4.94
C ALA A 124 -26.62 14.10 3.78
N ALA A 125 -25.31 13.86 4.07
CA ALA A 125 -24.25 13.90 3.07
C ALA A 125 -24.48 12.87 1.97
N VAL A 126 -24.89 11.65 2.37
CA VAL A 126 -25.20 10.55 1.46
C VAL A 126 -26.44 10.92 0.65
N SER A 127 -27.47 11.51 1.29
CA SER A 127 -28.70 11.96 0.63
C SER A 127 -28.41 13.05 -0.41
N ARG A 128 -27.45 13.96 -0.11
CA ARG A 128 -27.06 15.01 -1.06
C ARG A 128 -26.39 14.39 -2.29
N PHE A 129 -25.53 13.37 -2.04
CA PHE A 129 -24.86 12.60 -3.09
C PHE A 129 -25.91 11.88 -3.95
N ASP A 130 -26.97 11.30 -3.32
CA ASP A 130 -28.07 10.63 -4.03
C ASP A 130 -28.82 11.60 -4.94
N ALA A 131 -28.94 12.88 -4.52
CA ALA A 131 -29.64 13.93 -5.27
C ALA A 131 -28.74 14.71 -6.26
N GLY A 132 -27.62 14.09 -6.65
CA GLY A 132 -26.65 14.68 -7.59
C GLY A 132 -25.81 15.81 -7.03
N GLY A 133 -25.82 15.98 -5.71
CA GLY A 133 -25.07 17.02 -5.01
C GLY A 133 -23.70 16.52 -4.57
N ASP A 134 -23.01 17.36 -3.77
CA ASP A 134 -21.65 17.09 -3.29
C ASP A 134 -21.60 16.67 -1.84
N TRP A 135 -21.38 15.37 -1.58
CA TRP A 135 -21.25 14.81 -0.24
C TRP A 135 -19.94 15.22 0.43
N THR A 136 -18.88 15.54 -0.36
CA THR A 136 -17.54 15.86 0.14
C THR A 136 -17.45 17.08 1.05
N THR A 137 -18.53 17.91 1.10
CA THR A 137 -18.57 19.09 1.97
C THR A 137 -18.58 18.64 3.43
N SER A 138 -19.05 17.41 3.70
CA SER A 138 -19.10 16.86 5.05
C SER A 138 -17.79 16.17 5.49
N LEU A 139 -16.76 16.14 4.60
CA LEU A 139 -15.45 15.53 4.93
C LEU A 139 -14.65 16.40 5.91
N SER A 140 -13.92 15.75 6.82
CA SER A 140 -13.00 16.43 7.70
C SER A 140 -11.72 15.56 7.79
N PRO A 141 -10.55 16.16 8.08
CA PRO A 141 -9.33 15.34 8.12
C PRO A 141 -9.32 14.31 9.23
N ALA A 142 -8.76 13.15 8.93
CA ALA A 142 -8.55 12.09 9.91
C ALA A 142 -7.20 12.38 10.61
N ASP A 143 -6.79 11.52 11.52
CA ASP A 143 -5.51 11.66 12.24
C ASP A 143 -4.40 10.94 11.42
N LEU A 144 -4.67 10.65 10.13
CA LEU A 144 -3.74 9.95 9.25
C LEU A 144 -3.47 10.67 7.96
N VAL A 145 -2.29 10.42 7.39
CA VAL A 145 -1.89 10.90 6.08
C VAL A 145 -1.40 9.67 5.31
N LEU A 146 -1.36 9.77 3.99
CA LEU A 146 -0.76 8.76 3.14
C LEU A 146 0.75 9.04 3.26
N SER A 147 1.55 8.03 3.55
CA SER A 147 3.00 8.21 3.74
C SER A 147 3.70 8.78 2.53
N PRO A 148 4.43 9.90 2.66
CA PRO A 148 5.15 10.44 1.49
C PRO A 148 6.52 9.80 1.24
N ALA A 149 7.07 9.13 2.26
CA ALA A 149 8.37 8.43 2.19
C ALA A 149 8.33 7.32 3.19
N ALA A 150 9.01 6.21 2.89
CA ALA A 150 9.00 5.04 3.76
C ALA A 150 9.67 5.23 5.13
N CYS A 151 10.69 6.08 5.26
CA CYS A 151 11.43 6.17 6.53
C CYS A 151 10.77 6.96 7.68
N TYR A 152 9.91 7.96 7.39
CA TYR A 152 9.26 8.79 8.40
C TYR A 152 8.80 8.09 9.67
N PRO A 153 8.02 6.96 9.63
CA PRO A 153 7.60 6.33 10.88
C PRO A 153 8.72 5.69 11.69
N VAL A 154 9.91 5.46 11.09
CA VAL A 154 10.99 4.79 11.81
C VAL A 154 11.63 5.63 12.94
N TYR A 155 11.73 6.95 12.76
CA TYR A 155 12.38 7.86 13.72
C TYR A 155 11.72 7.87 15.09
N PRO A 156 10.38 8.04 15.24
CA PRO A 156 9.77 7.91 16.58
C PRO A 156 9.92 6.49 17.17
N ILE A 157 9.97 5.46 16.31
CA ILE A 157 10.14 4.06 16.76
C ILE A 157 11.53 3.91 17.41
N ALA A 158 12.58 4.43 16.74
CA ALA A 158 13.95 4.40 17.24
C ALA A 158 14.12 5.27 18.51
N ALA A 159 13.44 6.43 18.56
CA ALA A 159 13.50 7.35 19.71
C ALA A 159 12.94 6.73 20.99
N SER A 160 11.90 5.88 20.87
CA SER A 160 11.20 5.19 21.97
C SER A 160 12.01 4.07 22.62
N ARG A 161 13.18 3.74 22.05
CA ARG A 161 14.03 2.67 22.56
C ARG A 161 15.15 3.15 23.48
N GLY A 162 15.28 4.47 23.63
CA GLY A 162 16.27 5.09 24.50
C GLY A 162 17.53 5.47 23.76
N PRO A 163 18.67 5.66 24.48
CA PRO A 163 19.92 6.03 23.79
C PRO A 163 20.38 4.94 22.83
N LEU A 164 21.00 5.35 21.72
CA LEU A 164 21.47 4.42 20.71
C LEU A 164 22.71 3.67 21.17
N PRO A 165 22.89 2.39 20.73
CA PRO A 165 24.15 1.70 21.06
C PRO A 165 25.26 2.32 20.22
N LYS A 166 26.53 1.99 20.52
CA LYS A 166 27.66 2.50 19.72
C LYS A 166 27.56 1.82 18.36
N GLY A 167 27.77 2.60 17.31
CA GLY A 167 27.63 2.12 15.93
C GLY A 167 26.28 2.47 15.33
N GLY A 168 25.34 2.85 16.20
CA GLY A 168 24.00 3.29 15.86
C GLY A 168 23.02 2.19 15.53
N LEU A 169 21.92 2.52 14.83
CA LEU A 169 20.92 1.52 14.42
C LEU A 169 20.77 1.52 12.91
N ARG A 170 20.47 0.35 12.35
CA ARG A 170 20.21 0.22 10.91
C ARG A 170 18.81 -0.35 10.72
N PHE A 171 18.03 0.23 9.80
CA PHE A 171 16.71 -0.28 9.49
C PHE A 171 16.53 -0.50 7.99
N ASP A 172 15.75 -1.52 7.65
CA ASP A 172 15.34 -1.85 6.29
C ASP A 172 13.82 -1.55 6.32
N VAL A 173 13.38 -0.53 5.60
CA VAL A 173 11.97 -0.12 5.63
C VAL A 173 11.36 -0.11 4.22
N ALA A 174 10.05 -0.31 4.15
CA ALA A 174 9.33 -0.26 2.88
C ALA A 174 7.92 0.23 3.14
N ALA A 175 7.36 0.94 2.18
CA ALA A 175 5.97 1.39 2.22
C ALA A 175 5.55 1.76 0.81
N ASP A 176 4.24 1.70 0.59
CA ASP A 176 3.58 2.22 -0.59
C ASP A 176 3.39 3.67 -0.22
N CYS A 177 4.06 4.53 -0.96
CA CYS A 177 4.08 5.97 -0.70
C CYS A 177 3.16 6.74 -1.61
N PHE A 178 2.84 7.96 -1.19
CA PHE A 178 1.96 8.80 -1.97
C PHE A 178 2.52 10.19 -2.09
N ARG A 179 2.49 10.71 -3.31
CA ARG A 179 2.89 12.09 -3.56
C ARG A 179 1.90 12.67 -4.54
N ARG A 180 1.29 13.78 -4.15
CA ARG A 180 0.25 14.44 -4.92
C ARG A 180 0.85 15.21 -6.11
N GLU A 181 1.35 14.47 -7.11
CA GLU A 181 1.93 15.05 -8.32
C GLU A 181 1.39 14.30 -9.55
N PRO A 182 0.13 14.60 -9.96
CA PRO A 182 -0.45 13.89 -11.12
C PRO A 182 0.35 14.12 -12.39
N SER A 183 0.63 13.06 -13.12
CA SER A 183 1.40 13.15 -14.35
C SER A 183 1.04 11.95 -15.22
N LYS A 184 1.24 12.07 -16.54
CA LYS A 184 0.99 10.96 -17.45
C LYS A 184 2.29 10.18 -17.71
N HIS A 185 3.42 10.66 -17.19
CA HIS A 185 4.71 9.98 -17.35
C HIS A 185 4.79 8.76 -16.46
N LEU A 186 5.23 7.62 -17.03
CA LEU A 186 5.32 6.35 -16.32
C LEU A 186 6.34 6.35 -15.19
N ASP A 187 7.24 7.34 -15.16
CA ASP A 187 8.24 7.46 -14.09
C ASP A 187 7.85 8.55 -13.07
N ARG A 188 6.63 9.09 -13.15
CA ARG A 188 6.18 10.12 -12.21
C ARG A 188 4.78 9.69 -11.76
N LEU A 189 4.74 8.90 -10.70
CA LEU A 189 3.50 8.34 -10.18
C LEU A 189 3.04 9.05 -8.96
N GLN A 190 1.77 8.87 -8.60
CA GLN A 190 1.23 9.42 -7.35
C GLN A 190 1.34 8.35 -6.25
N SER A 191 1.19 7.08 -6.60
CA SER A 191 1.29 5.97 -5.65
C SER A 191 2.41 5.08 -6.14
N PHE A 192 3.44 4.88 -5.33
CA PHE A 192 4.61 4.11 -5.78
C PHE A 192 5.25 3.45 -4.56
N ARG A 193 6.03 2.39 -4.78
CA ARG A 193 6.70 1.67 -3.69
C ARG A 193 8.08 2.21 -3.44
N MET A 194 8.39 2.44 -2.19
CA MET A 194 9.69 2.92 -1.76
C MET A 194 10.29 1.87 -0.85
N ARG A 195 11.60 1.63 -0.98
CA ARG A 195 12.35 0.70 -0.15
C ARG A 195 13.57 1.47 0.35
N GLU A 196 13.83 1.42 1.66
CA GLU A 196 14.98 2.16 2.16
C GLU A 196 15.78 1.44 3.20
N TYR A 197 17.08 1.76 3.23
CA TYR A 197 17.97 1.35 4.33
C TYR A 197 18.27 2.66 5.05
N VAL A 198 18.03 2.68 6.35
CA VAL A 198 18.13 3.88 7.21
C VAL A 198 19.22 3.70 8.26
N CYS A 199 20.07 4.72 8.44
CA CYS A 199 21.10 4.68 9.48
C CYS A 199 20.82 5.78 10.50
N ILE A 200 20.83 5.42 11.77
CA ILE A 200 20.62 6.37 12.86
C ILE A 200 21.82 6.20 13.81
N GLY A 201 22.58 7.28 14.01
CA GLY A 201 23.75 7.25 14.90
C GLY A 201 24.52 8.55 14.93
N THR A 202 25.84 8.46 15.13
CA THR A 202 26.72 9.64 15.15
C THR A 202 26.93 10.13 13.70
N PRO A 203 27.41 11.39 13.47
CA PRO A 203 27.68 11.81 12.08
C PRO A 203 28.62 10.87 11.31
N ASP A 204 29.50 10.13 12.03
CA ASP A 204 30.46 9.18 11.48
C ASP A 204 29.77 7.93 10.97
N ASP A 205 28.87 7.34 11.78
CA ASP A 205 28.06 6.15 11.43
C ASP A 205 27.28 6.42 10.14
N VAL A 206 26.62 7.58 10.05
CA VAL A 206 25.79 7.98 8.91
C VAL A 206 26.61 8.19 7.65
N SER A 207 27.72 8.95 7.76
CA SER A 207 28.62 9.24 6.64
CA SER A 207 28.58 9.22 6.61
C SER A 207 29.19 7.95 6.05
N ASP A 208 29.66 7.05 6.90
CA ASP A 208 30.24 5.79 6.48
C ASP A 208 29.17 4.97 5.74
N PHE A 209 27.96 4.82 6.36
CA PHE A 209 26.81 4.13 5.78
C PHE A 209 26.49 4.67 4.40
N ARG A 210 26.38 6.01 4.28
CA ARG A 210 26.04 6.68 3.04
C ARG A 210 27.07 6.44 1.94
N GLU A 211 28.36 6.47 2.31
CA GLU A 211 29.47 6.21 1.39
C GLU A 211 29.46 4.75 0.92
N ARG A 212 29.35 3.76 1.86
CA ARG A 212 29.19 2.31 1.63
C ARG A 212 28.06 2.08 0.59
N TRP A 213 26.88 2.72 0.82
CA TRP A 213 25.72 2.60 -0.04
C TRP A 213 25.82 3.27 -1.38
N MET A 214 26.56 4.36 -1.48
CA MET A 214 26.75 5.01 -2.78
C MET A 214 27.60 4.12 -3.69
N VAL A 215 28.48 3.29 -3.09
CA VAL A 215 29.33 2.33 -3.81
C VAL A 215 28.48 1.10 -4.17
N ARG A 216 27.85 0.49 -3.16
CA ARG A 216 27.02 -0.70 -3.34
C ARG A 216 25.87 -0.47 -4.34
N ALA A 217 25.16 0.69 -4.25
CA ALA A 217 24.02 1.01 -5.13
C ALA A 217 24.43 1.09 -6.58
N GLN A 218 25.62 1.64 -6.87
CA GLN A 218 26.17 1.72 -8.24
C GLN A 218 26.52 0.32 -8.76
N ALA A 219 27.06 -0.55 -7.89
CA ALA A 219 27.40 -1.93 -8.25
C ALA A 219 26.10 -2.70 -8.61
N ILE A 220 24.99 -2.46 -7.85
CA ILE A 220 23.68 -3.07 -8.11
C ILE A 220 23.15 -2.59 -9.48
N ALA A 221 23.10 -1.25 -9.74
CA ALA A 221 22.62 -0.72 -11.01
C ALA A 221 23.45 -1.22 -12.21
N ARG A 222 24.77 -1.34 -12.02
CA ARG A 222 25.73 -1.83 -13.02
C ARG A 222 25.40 -3.28 -13.34
N ASP A 223 25.22 -4.12 -12.30
CA ASP A 223 24.84 -5.53 -12.47
C ASP A 223 23.44 -5.69 -13.10
N LEU A 224 22.55 -4.70 -12.92
CA LEU A 224 21.21 -4.71 -13.51
C LEU A 224 21.26 -4.25 -14.99
N GLY A 225 22.46 -3.87 -15.46
CA GLY A 225 22.68 -3.44 -16.83
C GLY A 225 22.10 -2.08 -17.12
N LEU A 226 21.97 -1.26 -16.08
CA LEU A 226 21.41 0.08 -16.23
C LEU A 226 22.48 1.12 -16.52
N THR A 227 22.13 2.16 -17.26
CA THR A 227 23.04 3.27 -17.56
C THR A 227 22.66 4.35 -16.56
N PHE A 228 23.65 4.92 -15.88
CA PHE A 228 23.37 5.94 -14.89
C PHE A 228 24.58 6.85 -14.64
N ARG A 229 24.34 7.88 -13.81
CA ARG A 229 25.35 8.73 -13.21
C ARG A 229 24.86 9.03 -11.78
N VAL A 230 25.80 9.31 -10.86
CA VAL A 230 25.47 9.71 -9.50
C VAL A 230 25.79 11.21 -9.47
N ASP A 231 24.81 12.02 -9.08
CA ASP A 231 25.01 13.46 -9.02
C ASP A 231 24.46 14.09 -7.75
N TYR A 232 24.89 15.34 -7.46
CA TYR A 232 24.42 16.17 -6.37
C TYR A 232 22.94 16.43 -6.65
N ALA A 233 22.16 16.51 -5.60
CA ALA A 233 20.73 16.70 -5.81
C ALA A 233 20.09 17.51 -4.70
N SER A 234 18.81 17.80 -4.88
CA SER A 234 18.01 18.47 -3.87
C SER A 234 16.56 17.94 -3.92
N ASP A 235 15.89 18.00 -2.79
CA ASP A 235 14.48 17.65 -2.65
C ASP A 235 13.62 18.72 -3.35
N PRO A 236 12.41 18.41 -3.87
CA PRO A 236 11.64 19.47 -4.55
C PRO A 236 10.85 20.35 -3.55
N PHE A 237 11.56 21.07 -2.64
CA PHE A 237 10.95 21.94 -1.64
C PHE A 237 9.99 22.90 -2.32
N PHE A 238 8.82 23.11 -1.71
CA PHE A 238 7.79 23.94 -2.30
C PHE A 238 8.06 25.45 -2.24
N GLY A 239 7.55 26.15 -3.22
CA GLY A 239 7.52 27.60 -3.29
C GLY A 239 8.85 28.32 -3.38
N ARG A 240 8.82 29.65 -3.23
CA ARG A 240 10.00 30.51 -3.30
C ARG A 240 11.04 30.21 -2.22
N VAL A 241 10.61 29.96 -0.97
CA VAL A 241 11.53 29.58 0.09
C VAL A 241 12.14 28.19 -0.22
N GLY A 242 11.36 27.32 -0.87
CA GLY A 242 11.80 26.01 -1.32
C GLY A 242 12.96 26.05 -2.30
N GLN A 243 12.98 27.05 -3.19
CA GLN A 243 14.08 27.25 -4.15
C GLN A 243 15.39 27.57 -3.36
N MET A 244 15.27 28.35 -2.27
CA MET A 244 16.38 28.71 -1.38
C MET A 244 16.84 27.48 -0.59
N LYS A 245 15.88 26.73 -0.04
CA LYS A 245 16.16 25.50 0.70
C LYS A 245 16.86 24.48 -0.23
N ALA A 246 16.43 24.38 -1.50
CA ALA A 246 17.01 23.41 -2.45
C ALA A 246 18.48 23.72 -2.80
N VAL A 247 18.77 24.99 -3.09
CA VAL A 247 20.13 25.48 -3.41
C VAL A 247 21.08 25.27 -2.22
N SER A 248 20.59 25.58 -1.01
CA SER A 248 21.32 25.41 0.22
C SER A 248 21.58 23.93 0.48
N GLN A 249 20.55 23.07 0.31
CA GLN A 249 20.67 21.62 0.48
C GLN A 249 21.69 21.07 -0.54
N LYS A 250 21.58 21.45 -1.81
CA LYS A 250 22.46 20.92 -2.85
C LYS A 250 23.95 21.26 -2.56
N GLN A 251 24.23 22.53 -2.19
CA GLN A 251 25.57 23.04 -1.87
C GLN A 251 26.20 22.32 -0.68
N GLN A 252 25.36 21.93 0.31
CA GLN A 252 25.81 21.22 1.50
C GLN A 252 26.01 19.73 1.22
N GLN A 253 25.66 19.25 0.00
CA GLN A 253 25.81 17.83 -0.42
C GLN A 253 25.05 16.85 0.47
N LEU A 254 23.84 17.26 0.90
CA LEU A 254 23.05 16.41 1.81
C LEU A 254 22.24 15.35 1.07
N LYS A 255 22.22 15.43 -0.27
CA LYS A 255 21.47 14.54 -1.13
C LYS A 255 22.17 14.28 -2.46
N PHE A 256 22.30 12.99 -2.78
CA PHE A 256 22.78 12.53 -4.08
C PHE A 256 21.67 11.65 -4.68
N GLU A 257 21.63 11.57 -6.01
CA GLU A 257 20.68 10.71 -6.70
C GLU A 257 21.40 9.88 -7.73
N LEU A 258 20.91 8.66 -7.95
CA LEU A 258 21.37 7.78 -8.99
C LEU A 258 20.37 8.06 -10.09
N LEU A 259 20.84 8.68 -11.17
CA LEU A 259 20.01 9.15 -12.28
C LEU A 259 20.17 8.27 -13.48
N ILE A 260 19.04 7.89 -14.09
CA ILE A 260 19.00 6.98 -15.24
C ILE A 260 18.30 7.69 -16.40
N PRO A 261 18.91 7.78 -17.60
CA PRO A 261 18.22 8.41 -18.74
C PRO A 261 17.05 7.55 -19.20
N LEU A 262 15.84 8.09 -19.11
CA LEU A 262 14.70 7.32 -19.60
C LEU A 262 14.16 8.04 -20.82
N ARG A 263 13.70 9.28 -20.65
CA ARG A 263 13.20 10.10 -21.76
C ARG A 263 14.27 10.87 -22.50
N SER A 264 15.44 11.06 -21.86
CA SER A 264 16.62 11.76 -22.42
C SER A 264 17.80 11.68 -21.46
N GLU A 265 19.00 11.91 -22.00
CA GLU A 265 20.24 11.94 -21.21
C GLU A 265 20.32 13.31 -20.51
N GLU A 266 19.63 14.34 -21.07
CA GLU A 266 19.54 15.72 -20.54
C GLU A 266 18.72 15.77 -19.27
N GLN A 267 17.52 15.08 -19.26
CA GLN A 267 16.65 15.06 -18.08
C GLN A 267 16.47 13.61 -17.52
N PRO A 268 17.52 13.05 -16.86
CA PRO A 268 17.40 11.67 -16.36
C PRO A 268 16.44 11.53 -15.16
N THR A 269 16.09 10.28 -14.82
CA THR A 269 15.19 10.00 -13.71
C THR A 269 15.93 9.51 -12.49
N ALA A 270 15.67 10.12 -11.32
CA ALA A 270 16.27 9.70 -10.06
C ALA A 270 15.59 8.40 -9.63
N CYS A 271 16.33 7.28 -9.64
CA CYS A 271 15.78 5.97 -9.28
C CYS A 271 16.21 5.53 -7.91
N MET A 272 17.19 6.25 -7.34
CA MET A 272 17.70 6.03 -6.00
C MET A 272 18.14 7.38 -5.48
N SER A 273 18.06 7.56 -4.14
CA SER A 273 18.56 8.77 -3.51
C SER A 273 19.38 8.36 -2.30
N PHE A 274 20.40 9.18 -1.98
CA PHE A 274 21.37 9.04 -0.86
C PHE A 274 21.26 10.34 -0.03
N ASN A 275 20.53 10.25 1.08
CA ASN A 275 20.14 11.41 1.88
C ASN A 275 20.82 11.46 3.23
N TYR A 276 21.38 12.61 3.56
CA TYR A 276 21.98 12.83 4.87
C TYR A 276 21.11 13.93 5.47
N HIS A 277 20.39 13.63 6.56
CA HIS A 277 19.44 14.56 7.23
C HIS A 277 20.08 15.38 8.36
N ARG A 278 21.42 15.18 8.62
CA ARG A 278 22.17 15.75 9.74
C ARG A 278 21.42 15.36 11.02
N GLU A 279 21.14 16.32 11.95
CA GLU A 279 20.43 15.98 13.18
C GLU A 279 18.94 16.35 13.20
N HIS A 280 18.36 16.71 12.03
CA HIS A 280 16.95 17.08 11.91
C HIS A 280 16.02 16.10 12.63
N PHE A 281 16.09 14.79 12.31
CA PHE A 281 15.24 13.79 12.98
C PHE A 281 15.67 13.47 14.40
N GLY A 282 16.98 13.50 14.67
CA GLY A 282 17.52 13.27 16.01
C GLY A 282 16.99 14.32 16.98
N THR A 283 16.99 15.59 16.55
CA THR A 283 16.48 16.73 17.33
C THR A 283 14.96 16.66 17.49
N THR A 284 14.22 16.47 16.37
CA THR A 284 12.75 16.38 16.37
C THR A 284 12.24 15.32 17.32
N TRP A 285 12.81 14.11 17.28
CA TRP A 285 12.33 13.00 18.08
C TRP A 285 13.07 12.73 19.38
N GLY A 286 14.11 13.53 19.67
CA GLY A 286 14.91 13.36 20.87
C GLY A 286 15.68 12.05 20.84
N ILE A 287 16.26 11.70 19.66
CA ILE A 287 17.09 10.49 19.56
C ILE A 287 18.52 10.90 19.97
N GLN A 288 19.08 10.21 20.96
CA GLN A 288 20.45 10.54 21.37
C GLN A 288 21.47 9.50 20.91
N ASP A 289 22.58 9.95 20.29
CA ASP A 289 23.66 9.07 19.81
C ASP A 289 24.66 8.70 20.93
N ALA A 290 25.62 7.79 20.63
CA ALA A 290 26.64 7.29 21.58
C ALA A 290 27.32 8.43 22.39
N ASN A 291 27.72 9.52 21.70
CA ASN A 291 28.35 10.72 22.27
C ASN A 291 27.32 11.64 23.00
N GLY A 292 26.20 11.05 23.42
CA GLY A 292 25.08 11.70 24.12
C GLY A 292 24.31 12.73 23.31
N GLU A 293 24.90 13.18 22.19
CA GLU A 293 24.39 14.21 21.29
C GLU A 293 23.11 13.83 20.51
N PRO A 294 22.39 14.84 19.93
CA PRO A 294 21.26 14.50 19.06
C PRO A 294 21.76 13.69 17.84
N ALA A 295 21.18 12.47 17.68
CA ALA A 295 21.55 11.52 16.62
C ALA A 295 21.45 12.12 15.23
N HIS A 296 22.35 11.69 14.38
CA HIS A 296 22.36 12.06 12.98
C HIS A 296 21.68 10.90 12.23
N THR A 297 21.04 11.19 11.07
CA THR A 297 20.38 10.13 10.31
C THR A 297 20.64 10.33 8.83
N GLY A 298 20.60 9.22 8.13
CA GLY A 298 20.70 9.19 6.67
C GLY A 298 19.92 8.01 6.15
N CYS A 299 19.59 8.03 4.87
CA CYS A 299 18.89 6.91 4.25
C CYS A 299 19.26 6.73 2.80
N VAL A 300 19.27 5.46 2.35
CA VAL A 300 19.44 5.10 0.95
C VAL A 300 18.03 4.66 0.51
N ALA A 301 17.45 5.39 -0.45
CA ALA A 301 16.09 5.14 -0.90
C ALA A 301 16.06 4.57 -2.30
N PHE A 302 15.34 3.46 -2.49
CA PHE A 302 15.19 2.81 -3.79
C PHE A 302 13.75 3.04 -4.26
N GLY A 303 13.59 3.71 -5.41
CA GLY A 303 12.27 3.87 -6.02
C GLY A 303 11.97 2.59 -6.78
N MET A 304 11.18 1.68 -6.17
CA MET A 304 10.87 0.35 -6.73
C MET A 304 10.21 0.38 -8.09
N ASP A 305 9.24 1.29 -8.27
CA ASP A 305 8.53 1.49 -9.52
C ASP A 305 9.39 2.13 -10.58
N ARG A 306 10.26 3.10 -10.21
CA ARG A 306 11.18 3.71 -11.18
C ARG A 306 12.23 2.72 -11.64
N LEU A 307 12.74 1.88 -10.72
CA LEU A 307 13.72 0.84 -11.03
C LEU A 307 13.12 -0.20 -11.97
N ALA A 308 11.89 -0.65 -11.71
CA ALA A 308 11.20 -1.62 -12.56
C ALA A 308 10.98 -1.02 -13.95
N VAL A 309 10.46 0.22 -14.00
CA VAL A 309 10.23 0.92 -15.28
C VAL A 309 11.59 1.06 -16.02
N ALA A 310 12.66 1.43 -15.29
CA ALA A 310 14.01 1.57 -15.87
C ALA A 310 14.46 0.22 -16.49
N MET A 311 14.18 -0.93 -15.80
CA MET A 311 14.50 -2.28 -16.29
C MET A 311 13.78 -2.61 -17.60
N PHE A 312 12.47 -2.32 -17.66
CA PHE A 312 11.67 -2.61 -18.85
C PHE A 312 12.01 -1.69 -20.01
N HIS A 313 12.35 -0.43 -19.72
CA HIS A 313 12.73 0.52 -20.75
C HIS A 313 14.10 0.12 -21.34
N THR A 314 15.02 -0.31 -20.48
CA THR A 314 16.36 -0.71 -20.88
C THR A 314 16.37 -2.06 -21.64
N HIS A 315 15.73 -3.07 -21.07
CA HIS A 315 15.82 -4.43 -21.55
C HIS A 315 14.63 -4.96 -22.31
N GLY A 316 13.54 -4.21 -22.34
CA GLY A 316 12.34 -4.62 -23.05
C GLY A 316 11.44 -5.48 -22.20
N THR A 317 10.25 -5.79 -22.73
CA THR A 317 9.21 -6.54 -22.02
C THR A 317 9.30 -8.06 -22.17
N ASP A 318 10.32 -8.56 -22.91
CA ASP A 318 10.50 -10.01 -23.14
C ASP A 318 11.64 -10.46 -22.25
N LEU A 319 11.29 -11.05 -21.10
CA LEU A 319 12.28 -11.50 -20.12
C LEU A 319 13.27 -12.51 -20.67
N SER A 320 12.84 -13.36 -21.63
CA SER A 320 13.70 -14.41 -22.19
C SER A 320 14.92 -13.83 -22.94
N ALA A 321 14.82 -12.59 -23.39
CA ALA A 321 15.88 -11.86 -24.09
C ALA A 321 16.72 -10.98 -23.15
N TRP A 322 16.42 -10.96 -21.84
CA TRP A 322 17.20 -10.13 -20.93
C TRP A 322 18.63 -10.67 -20.80
N PRO A 323 19.68 -9.82 -20.61
CA PRO A 323 21.05 -10.37 -20.50
C PRO A 323 21.15 -11.44 -19.43
N ALA A 324 21.97 -12.48 -19.69
CA ALA A 324 22.19 -13.64 -18.81
C ALA A 324 22.52 -13.29 -17.37
N LYS A 325 23.39 -12.30 -17.16
CA LYS A 325 23.85 -11.86 -15.84
C LYS A 325 22.74 -11.15 -15.07
N VAL A 326 21.91 -10.39 -15.82
CA VAL A 326 20.76 -9.67 -15.28
C VAL A 326 19.70 -10.67 -14.84
N ARG A 327 19.34 -11.63 -15.73
CA ARG A 327 18.42 -12.74 -15.44
C ARG A 327 18.91 -13.55 -14.21
N ASP A 328 20.23 -13.82 -14.13
CA ASP A 328 20.83 -14.56 -13.02
C ASP A 328 20.68 -13.84 -11.68
N ILE A 329 21.07 -12.55 -11.60
CA ILE A 329 20.94 -11.79 -10.33
C ILE A 329 19.50 -11.62 -9.84
N LEU A 330 18.52 -11.67 -10.77
CA LEU A 330 17.09 -11.59 -10.45
C LEU A 330 16.47 -12.97 -10.20
N GLY A 331 17.31 -14.00 -10.19
CA GLY A 331 16.85 -15.37 -9.96
C GLY A 331 15.97 -15.96 -11.04
N LEU A 332 16.12 -15.49 -12.28
CA LEU A 332 15.44 -16.09 -13.42
C LEU A 332 16.53 -17.07 -13.95
N GLN A 333 16.16 -18.13 -14.68
CA GLN A 333 17.15 -19.09 -15.24
C GLN A 333 18.13 -18.27 -16.11
N PRO A 334 19.46 -18.25 -15.87
CA PRO A 334 20.35 -17.35 -16.65
C PRO A 334 20.25 -17.49 -18.17
N HIS A 335 20.39 -18.73 -18.69
CA HIS A 335 20.33 -19.05 -20.12
C HIS A 335 19.14 -19.96 -20.41
N ASP B 38 -7.22 -8.32 25.66
CA ASP B 38 -7.73 -9.15 24.56
C ASP B 38 -6.83 -10.38 24.38
N PRO B 39 -7.39 -11.57 24.06
CA PRO B 39 -6.55 -12.77 23.89
C PRO B 39 -5.40 -12.67 22.86
N LEU B 40 -5.54 -11.77 21.86
CA LEU B 40 -4.54 -11.56 20.81
C LEU B 40 -3.42 -10.60 21.21
N ASP B 41 -3.62 -9.81 22.28
CA ASP B 41 -2.69 -8.77 22.74
C ASP B 41 -1.24 -9.11 22.90
N HIS B 42 -0.91 -10.28 23.47
CA HIS B 42 0.50 -10.62 23.65
C HIS B 42 1.24 -10.77 22.31
N LEU B 43 0.50 -11.14 21.22
CA LEU B 43 1.11 -11.27 19.89
C LEU B 43 1.75 -9.99 19.38
N ALA B 44 1.15 -8.81 19.67
CA ALA B 44 1.62 -7.51 19.21
C ALA B 44 3.12 -7.26 19.31
N ASP B 45 3.77 -7.71 20.41
CA ASP B 45 5.20 -7.55 20.71
C ASP B 45 6.15 -8.02 19.62
N LYS B 46 5.98 -9.25 19.14
CA LYS B 46 6.85 -9.84 18.11
C LYS B 46 6.31 -9.69 16.68
N LEU B 47 5.06 -9.18 16.53
CA LEU B 47 4.47 -9.02 15.21
C LEU B 47 4.40 -7.58 14.72
N PHE B 48 4.17 -6.63 15.64
CA PHE B 48 3.94 -5.23 15.31
C PHE B 48 4.71 -4.24 16.14
N HIS B 49 4.77 -3.00 15.65
CA HIS B 49 5.32 -1.83 16.33
C HIS B 49 4.27 -0.75 16.16
N SER B 50 4.04 0.01 17.23
CA SER B 50 3.06 1.10 17.20
C SER B 50 3.50 2.19 16.21
N MET B 51 2.52 2.81 15.58
CA MET B 51 2.78 3.91 14.66
C MET B 51 2.04 5.17 15.11
N GLY B 52 1.55 5.12 16.33
CA GLY B 52 0.83 6.23 16.95
C GLY B 52 -0.61 6.34 16.53
N SER B 53 -1.20 5.25 16.02
CA SER B 53 -2.63 5.23 15.61
C SER B 53 -3.17 3.81 15.70
N ASP B 54 -4.30 3.63 16.38
CA ASP B 54 -4.95 2.34 16.56
C ASP B 54 -5.30 1.72 15.22
N GLY B 55 -4.94 0.46 15.03
CA GLY B 55 -5.23 -0.27 13.80
C GLY B 55 -4.27 0.03 12.66
N VAL B 56 -3.19 0.77 12.94
CA VAL B 56 -2.15 1.14 11.97
C VAL B 56 -0.82 0.76 12.60
N TYR B 57 -0.24 -0.35 12.13
CA TYR B 57 0.98 -0.87 12.72
C TYR B 57 2.05 -1.16 11.71
N ALA B 58 3.31 -1.03 12.16
CA ALA B 58 4.49 -1.40 11.40
C ALA B 58 4.60 -2.92 11.58
N ARG B 59 4.94 -3.66 10.53
CA ARG B 59 5.07 -5.13 10.65
C ARG B 59 6.52 -5.54 10.82
N THR B 60 6.77 -6.58 11.64
CA THR B 60 8.13 -7.12 11.83
C THR B 60 8.43 -8.05 10.67
N ALA B 61 9.73 -8.40 10.49
CA ALA B 61 10.17 -9.35 9.45
C ALA B 61 9.48 -10.68 9.65
N LEU B 62 9.33 -11.14 10.89
CA LEU B 62 8.62 -12.39 11.19
C LEU B 62 7.18 -12.38 10.65
N TYR B 63 6.40 -11.37 11.03
CA TYR B 63 5.02 -11.23 10.59
C TYR B 63 4.92 -11.18 9.04
N GLU B 64 5.70 -10.30 8.40
CA GLU B 64 5.70 -10.10 6.95
C GLU B 64 6.12 -11.35 6.17
N SER B 65 7.08 -12.15 6.69
CA SER B 65 7.49 -13.38 6.00
C SER B 65 6.31 -14.36 5.91
N ILE B 66 5.49 -14.39 6.95
CA ILE B 66 4.31 -15.26 6.98
C ILE B 66 3.19 -14.76 6.03
N VAL B 67 2.92 -13.44 6.01
CA VAL B 67 1.93 -12.85 5.09
C VAL B 67 2.33 -13.24 3.64
N GLU B 68 3.62 -13.06 3.26
CA GLU B 68 4.15 -13.40 1.92
C GLU B 68 4.03 -14.90 1.60
N ARG B 69 4.28 -15.75 2.60
CA ARG B 69 4.16 -17.20 2.40
C ARG B 69 2.71 -17.60 2.22
N LEU B 70 1.81 -16.98 2.97
CA LEU B 70 0.36 -17.19 2.81
C LEU B 70 -0.08 -16.71 1.42
N ALA B 71 0.44 -15.55 0.97
CA ALA B 71 0.13 -15.00 -0.38
C ALA B 71 0.58 -15.98 -1.47
N ALA B 72 1.82 -16.55 -1.34
CA ALA B 72 2.35 -17.55 -2.30
C ALA B 72 1.48 -18.82 -2.29
N LEU B 73 0.97 -19.23 -1.11
CA LEU B 73 0.08 -20.38 -1.00
C LEU B 73 -1.26 -20.14 -1.75
N ILE B 74 -1.85 -18.94 -1.57
CA ILE B 74 -3.09 -18.58 -2.28
C ILE B 74 -2.85 -18.61 -3.79
N THR B 75 -1.71 -18.08 -4.23
CA THR B 75 -1.26 -18.05 -5.63
C THR B 75 -1.18 -19.47 -6.24
N SER B 76 -0.63 -20.46 -5.49
CA SER B 76 -0.52 -21.85 -5.96
C SER B 76 -1.90 -22.48 -6.26
N HIS B 77 -2.99 -21.91 -5.68
CA HIS B 77 -4.37 -22.35 -5.91
C HIS B 77 -5.05 -21.57 -7.04
N ARG B 78 -4.32 -20.67 -7.72
CA ARG B 78 -4.86 -19.90 -8.83
C ARG B 78 -5.21 -20.81 -10.02
N GLU B 79 -6.49 -20.75 -10.46
CA GLU B 79 -7.02 -21.51 -11.60
C GLU B 79 -6.36 -21.04 -12.90
N ALA B 80 -6.29 -21.94 -13.90
CA ALA B 80 -5.71 -21.60 -15.21
C ALA B 80 -6.63 -20.56 -15.90
N GLY B 81 -6.04 -19.60 -16.61
CA GLY B 81 -6.81 -18.55 -17.27
C GLY B 81 -7.16 -17.36 -16.37
N THR B 82 -6.67 -17.34 -15.11
CA THR B 82 -6.91 -16.22 -14.19
C THR B 82 -5.88 -15.10 -14.42
N GLU B 83 -6.36 -13.87 -14.65
CA GLU B 83 -5.51 -12.72 -14.85
C GLU B 83 -5.19 -12.04 -13.49
N ALA B 84 -3.91 -11.92 -13.17
CA ALA B 84 -3.45 -11.32 -11.93
C ALA B 84 -3.18 -9.83 -12.10
N LEU B 85 -3.81 -9.01 -11.25
CA LEU B 85 -3.63 -7.55 -11.21
C LEU B 85 -3.29 -7.15 -9.80
N ARG B 86 -2.40 -6.17 -9.66
CA ARG B 86 -2.00 -5.71 -8.34
C ARG B 86 -2.32 -4.22 -8.25
N PHE B 87 -3.21 -3.88 -7.33
CA PHE B 87 -3.68 -2.51 -7.20
C PHE B 87 -2.94 -1.74 -6.13
N PRO B 88 -2.74 -0.43 -6.35
CA PRO B 88 -2.11 0.40 -5.31
C PRO B 88 -3.13 0.62 -4.15
N PRO B 89 -2.74 1.29 -3.04
CA PRO B 89 -3.71 1.52 -1.95
C PRO B 89 -4.76 2.58 -2.19
N VAL B 90 -4.73 3.23 -3.35
CA VAL B 90 -5.70 4.26 -3.68
C VAL B 90 -6.40 3.88 -4.97
N MET B 91 -7.65 4.38 -5.15
CA MET B 91 -8.38 4.16 -6.40
C MET B 91 -9.21 5.40 -6.72
N SER B 92 -9.82 5.42 -7.91
CA SER B 92 -10.68 6.53 -8.35
C SER B 92 -11.86 6.72 -7.42
N ARG B 93 -12.05 7.92 -6.92
CA ARG B 93 -13.18 8.24 -6.05
C ARG B 93 -14.49 8.11 -6.82
N ALA B 94 -14.51 8.54 -8.11
CA ALA B 94 -15.73 8.45 -8.93
C ALA B 94 -16.11 6.98 -9.15
N GLN B 95 -15.11 6.09 -9.43
CA GLN B 95 -15.40 4.64 -9.55
C GLN B 95 -15.98 4.11 -8.25
N LEU B 96 -15.42 4.52 -7.10
CA LEU B 96 -15.97 4.08 -5.81
C LEU B 96 -17.37 4.58 -5.55
N GLU B 97 -17.63 5.87 -5.84
CA GLU B 97 -18.96 6.47 -5.70
C GLU B 97 -19.97 5.71 -6.56
N LYS B 98 -19.59 5.35 -7.80
CA LYS B 98 -20.43 4.58 -8.74
C LYS B 98 -20.75 3.15 -8.26
N SER B 99 -19.84 2.52 -7.49
CA SER B 99 -20.03 1.17 -6.98
C SER B 99 -21.07 1.06 -5.84
N GLY B 100 -21.46 2.19 -5.26
CA GLY B 100 -22.43 2.25 -4.17
C GLY B 100 -21.88 2.07 -2.76
N TYR B 101 -20.53 2.06 -2.57
CA TYR B 101 -19.89 1.89 -1.24
C TYR B 101 -20.30 3.01 -0.31
N LEU B 102 -20.40 4.23 -0.84
CA LEU B 102 -20.75 5.42 -0.07
C LEU B 102 -22.17 5.34 0.52
N LYS B 103 -23.10 4.70 -0.20
CA LYS B 103 -24.46 4.53 0.27
C LYS B 103 -24.52 3.46 1.41
N SER B 104 -23.64 2.46 1.38
CA SER B 104 -23.66 1.38 2.37
C SER B 104 -22.76 1.58 3.59
N PHE B 105 -21.53 2.09 3.39
CA PHE B 105 -20.55 2.27 4.47
C PHE B 105 -19.92 3.67 4.42
N PRO B 106 -20.72 4.75 4.52
CA PRO B 106 -20.12 6.10 4.41
C PRO B 106 -19.11 6.43 5.50
N ASN B 107 -19.32 5.87 6.68
CA ASN B 107 -18.47 6.05 7.87
C ASN B 107 -17.12 5.32 7.77
N LEU B 108 -16.96 4.33 6.85
CA LEU B 108 -15.71 3.54 6.72
C LEU B 108 -14.77 4.10 5.69
N LEU B 109 -15.29 4.93 4.77
CA LEU B 109 -14.50 5.46 3.67
C LEU B 109 -13.40 6.43 4.02
N GLY B 110 -12.17 6.15 3.54
CA GLY B 110 -11.06 7.08 3.69
C GLY B 110 -10.88 7.78 2.35
N CYS B 111 -11.07 9.08 2.30
N CYS B 111 -11.13 9.11 2.29
CA CYS B 111 -10.86 9.80 1.05
CA CYS B 111 -10.97 9.92 1.07
C CYS B 111 -9.49 10.45 1.07
C CYS B 111 -9.57 10.58 1.07
N VAL B 112 -9.00 10.82 -0.11
CA VAL B 112 -7.72 11.50 -0.22
C VAL B 112 -8.05 13.00 -0.39
N CYS B 113 -7.45 13.84 0.45
N CYS B 113 -7.45 13.83 0.44
CA CYS B 113 -7.59 15.29 0.42
CA CYS B 113 -7.55 15.28 0.37
C CYS B 113 -6.21 15.95 0.35
C CYS B 113 -6.15 15.82 0.11
N GLY B 114 -6.10 17.01 -0.44
CA GLY B 114 -4.84 17.71 -0.65
C GLY B 114 -4.99 19.22 -0.65
N LEU B 115 -3.84 19.91 -0.62
CA LEU B 115 -3.75 21.37 -0.68
C LEU B 115 -3.64 21.61 -2.19
N HIS B 116 -4.78 21.88 -2.84
CA HIS B 116 -4.89 22.05 -4.29
C HIS B 116 -4.90 23.52 -4.76
N GLY B 117 -4.68 24.47 -3.85
CA GLY B 117 -4.71 25.89 -4.17
C GLY B 117 -3.46 26.42 -4.85
N THR B 118 -3.36 27.76 -4.90
CA THR B 118 -2.22 28.49 -5.46
C THR B 118 -1.08 28.45 -4.44
N GLU B 119 0.16 28.78 -4.85
CA GLU B 119 1.32 28.82 -3.95
C GLU B 119 1.04 29.76 -2.77
N ARG B 120 0.39 30.91 -3.05
CA ARG B 120 0.02 31.92 -2.05
C ARG B 120 -0.88 31.27 -0.99
N GLU B 121 -1.92 30.54 -1.43
CA GLU B 121 -2.86 29.85 -0.53
C GLU B 121 -2.20 28.76 0.29
N ILE B 122 -1.32 27.97 -0.33
CA ILE B 122 -0.61 26.88 0.37
C ILE B 122 0.36 27.45 1.42
N ASN B 123 1.13 28.49 1.05
CA ASN B 123 2.05 29.15 2.00
C ASN B 123 1.24 29.71 3.21
N ALA B 124 0.07 30.33 2.96
CA ALA B 124 -0.78 30.86 4.04
C ALA B 124 -1.25 29.73 4.98
N ALA B 125 -1.64 28.55 4.44
CA ALA B 125 -2.07 27.40 5.23
C ALA B 125 -0.95 26.94 6.16
N VAL B 126 0.28 26.86 5.62
CA VAL B 126 1.45 26.45 6.39
C VAL B 126 1.75 27.52 7.46
N SER B 127 1.65 28.80 7.09
CA SER B 127 1.84 29.93 8.03
C SER B 127 0.81 29.91 9.16
N ARG B 128 -0.45 29.52 8.87
CA ARG B 128 -1.51 29.39 9.90
C ARG B 128 -1.15 28.26 10.87
N PHE B 129 -0.62 27.14 10.32
CA PHE B 129 -0.15 26.00 11.10
C PHE B 129 1.00 26.47 12.02
N ASP B 130 1.93 27.28 11.48
CA ASP B 130 3.06 27.83 12.25
C ASP B 130 2.57 28.73 13.41
N ALA B 131 1.45 29.45 13.21
CA ALA B 131 0.87 30.35 14.20
C ALA B 131 -0.18 29.70 15.11
N GLY B 132 -0.11 28.38 15.25
CA GLY B 132 -1.02 27.64 16.13
C GLY B 132 -2.42 27.40 15.59
N GLY B 133 -2.63 27.67 14.30
CA GLY B 133 -3.93 27.46 13.68
C GLY B 133 -4.04 26.12 12.97
N ASP B 134 -5.08 25.94 12.17
CA ASP B 134 -5.38 24.69 11.46
C ASP B 134 -5.17 24.87 9.94
N TRP B 135 -4.12 24.24 9.41
CA TRP B 135 -3.81 24.25 7.98
C TRP B 135 -4.81 23.45 7.14
N THR B 136 -5.46 22.44 7.74
CA THR B 136 -6.41 21.55 7.07
C THR B 136 -7.63 22.25 6.46
N THR B 137 -7.89 23.52 6.81
CA THR B 137 -9.01 24.27 6.23
C THR B 137 -8.77 24.52 4.74
N SER B 138 -7.50 24.47 4.30
CA SER B 138 -7.15 24.64 2.89
C SER B 138 -7.19 23.31 2.09
N LEU B 139 -7.54 22.19 2.74
CA LEU B 139 -7.69 20.88 2.05
C LEU B 139 -8.94 20.82 1.21
N SER B 140 -8.85 20.17 0.08
CA SER B 140 -10.02 19.87 -0.75
C SER B 140 -9.89 18.41 -1.22
N PRO B 141 -11.00 17.72 -1.54
CA PRO B 141 -10.86 16.33 -1.94
C PRO B 141 -10.14 16.14 -3.26
N ALA B 142 -9.35 15.08 -3.33
CA ALA B 142 -8.69 14.71 -4.56
C ALA B 142 -9.71 13.83 -5.33
N ASP B 143 -9.32 13.33 -6.50
CA ASP B 143 -10.17 12.44 -7.30
C ASP B 143 -9.90 11.00 -6.85
N LEU B 144 -9.32 10.79 -5.65
CA LEU B 144 -8.92 9.47 -5.14
C LEU B 144 -9.45 9.18 -3.75
N VAL B 145 -9.64 7.90 -3.46
CA VAL B 145 -10.00 7.38 -2.14
C VAL B 145 -9.00 6.26 -1.83
N LEU B 146 -8.84 5.92 -0.55
CA LEU B 146 -8.10 4.75 -0.13
C LEU B 146 -9.05 3.58 -0.41
N SER B 147 -8.58 2.55 -1.10
CA SER B 147 -9.43 1.44 -1.49
C SER B 147 -10.05 0.69 -0.30
N PRO B 148 -11.38 0.54 -0.24
CA PRO B 148 -11.97 -0.21 0.89
C PRO B 148 -11.99 -1.72 0.67
N ALA B 149 -11.83 -2.19 -0.57
CA ALA B 149 -11.79 -3.61 -0.96
C ALA B 149 -10.97 -3.71 -2.24
N ALA B 150 -10.23 -4.80 -2.41
CA ALA B 150 -9.36 -5.01 -3.56
C ALA B 150 -10.06 -5.13 -4.91
N CYS B 151 -11.28 -5.66 -4.99
CA CYS B 151 -11.91 -5.90 -6.30
C CYS B 151 -12.50 -4.70 -7.05
N TYR B 152 -12.93 -3.65 -6.35
CA TYR B 152 -13.57 -2.46 -6.95
C TYR B 152 -12.97 -1.96 -8.26
N PRO B 153 -11.62 -1.74 -8.38
CA PRO B 153 -11.08 -1.26 -9.66
C PRO B 153 -11.17 -2.24 -10.82
N VAL B 154 -11.39 -3.53 -10.54
CA VAL B 154 -11.41 -4.52 -11.61
C VAL B 154 -12.62 -4.44 -12.58
N TYR B 155 -13.80 -4.05 -12.07
CA TYR B 155 -15.04 -3.98 -12.86
C TYR B 155 -15.00 -3.01 -14.02
N PRO B 156 -14.56 -1.72 -13.85
CA PRO B 156 -14.39 -0.86 -15.03
C PRO B 156 -13.32 -1.36 -16.00
N ILE B 157 -12.28 -2.07 -15.48
CA ILE B 157 -11.22 -2.62 -16.33
C ILE B 157 -11.80 -3.70 -17.26
N ALA B 158 -12.61 -4.60 -16.69
CA ALA B 158 -13.29 -5.67 -17.42
C ALA B 158 -14.33 -5.10 -18.42
N ALA B 159 -15.06 -4.04 -18.02
CA ALA B 159 -16.08 -3.40 -18.87
C ALA B 159 -15.49 -2.77 -20.14
N SER B 160 -14.25 -2.24 -20.04
CA SER B 160 -13.53 -1.57 -21.14
C SER B 160 -13.04 -2.51 -22.23
N ARG B 161 -13.14 -3.82 -22.00
CA ARG B 161 -12.68 -4.83 -22.95
C ARG B 161 -13.78 -5.35 -23.91
N GLY B 162 -15.01 -4.93 -23.69
CA GLY B 162 -16.14 -5.31 -24.52
C GLY B 162 -16.91 -6.48 -23.94
N PRO B 163 -17.73 -7.18 -24.76
CA PRO B 163 -18.48 -8.33 -24.23
C PRO B 163 -17.55 -9.46 -23.73
N LEU B 164 -17.97 -10.15 -22.68
CA LEU B 164 -17.21 -11.22 -22.07
C LEU B 164 -17.17 -12.47 -22.96
N PRO B 165 -16.08 -13.27 -22.89
CA PRO B 165 -16.10 -14.54 -23.62
C PRO B 165 -17.01 -15.52 -22.88
N LYS B 166 -17.33 -16.67 -23.48
CA LYS B 166 -18.15 -17.68 -22.80
C LYS B 166 -17.29 -18.26 -21.67
N GLY B 167 -17.89 -18.47 -20.50
CA GLY B 167 -17.19 -18.91 -19.31
C GLY B 167 -16.85 -17.72 -18.40
N GLY B 168 -16.91 -16.50 -18.95
CA GLY B 168 -16.65 -15.26 -18.24
C GLY B 168 -15.19 -14.95 -18.02
N LEU B 169 -14.89 -14.06 -17.08
CA LEU B 169 -13.50 -13.70 -16.78
C LEU B 169 -13.19 -14.01 -15.33
N ARG B 170 -11.93 -14.37 -15.06
CA ARG B 170 -11.46 -14.60 -13.69
C ARG B 170 -10.28 -13.67 -13.43
N PHE B 171 -10.26 -13.04 -12.25
CA PHE B 171 -9.16 -12.16 -11.87
C PHE B 171 -8.64 -12.52 -10.48
N ASP B 172 -7.34 -12.33 -10.31
CA ASP B 172 -6.63 -12.48 -9.05
C ASP B 172 -6.18 -11.05 -8.74
N VAL B 173 -6.75 -10.46 -7.69
CA VAL B 173 -6.47 -9.06 -7.34
C VAL B 173 -5.96 -8.95 -5.90
N ALA B 174 -5.18 -7.89 -5.65
CA ALA B 174 -4.67 -7.61 -4.32
C ALA B 174 -4.52 -6.14 -4.16
N ALA B 175 -4.72 -5.66 -2.93
CA ALA B 175 -4.51 -4.26 -2.57
C ALA B 175 -4.39 -4.16 -1.07
N ASP B 176 -3.74 -3.10 -0.63
CA ASP B 176 -3.71 -2.62 0.75
C ASP B 176 -4.98 -1.80 0.84
N CYS B 177 -5.89 -2.24 1.68
CA CYS B 177 -7.19 -1.64 1.86
C CYS B 177 -7.31 -0.79 3.11
N PHE B 178 -8.29 0.11 3.11
CA PHE B 178 -8.49 0.98 4.25
C PHE B 178 -9.93 1.00 4.67
N ARG B 179 -10.15 0.90 5.97
CA ARG B 179 -11.48 1.04 6.55
C ARG B 179 -11.35 1.86 7.81
N ARG B 180 -12.11 2.96 7.87
CA ARG B 180 -12.05 3.91 8.98
C ARG B 180 -12.79 3.37 10.21
N GLU B 181 -12.21 2.33 10.85
CA GLU B 181 -12.77 1.72 12.06
C GLU B 181 -11.64 1.51 13.09
N PRO B 182 -11.26 2.60 13.80
CA PRO B 182 -10.16 2.49 14.77
C PRO B 182 -10.49 1.51 15.89
N SER B 183 -9.55 0.63 16.21
CA SER B 183 -9.73 -0.37 17.25
C SER B 183 -8.36 -0.78 17.78
N LYS B 184 -8.32 -1.28 19.02
CA LYS B 184 -7.08 -1.75 19.62
C LYS B 184 -6.90 -3.26 19.39
N HIS B 185 -7.92 -3.93 18.83
CA HIS B 185 -7.85 -5.38 18.54
C HIS B 185 -6.99 -5.63 17.31
N LEU B 186 -6.09 -6.64 17.42
CA LEU B 186 -5.15 -7.02 16.38
C LEU B 186 -5.83 -7.59 15.12
N ASP B 187 -7.11 -7.99 15.24
CA ASP B 187 -7.87 -8.50 14.10
C ASP B 187 -8.85 -7.43 13.54
N ARG B 188 -8.75 -6.18 13.99
CA ARG B 188 -9.63 -5.12 13.49
C ARG B 188 -8.73 -3.94 13.17
N LEU B 189 -8.20 -3.96 11.94
CA LEU B 189 -7.24 -2.97 11.49
C LEU B 189 -7.88 -1.87 10.64
N GLN B 190 -7.23 -0.68 10.55
CA GLN B 190 -7.68 0.36 9.64
C GLN B 190 -7.04 0.14 8.29
N SER B 191 -5.77 -0.33 8.25
CA SER B 191 -5.04 -0.58 7.01
C SER B 191 -4.68 -2.05 7.01
N PHE B 192 -5.12 -2.80 6.01
CA PHE B 192 -4.89 -4.26 5.97
C PHE B 192 -4.82 -4.73 4.54
N ARG B 193 -4.18 -5.89 4.28
CA ARG B 193 -4.04 -6.42 2.93
C ARG B 193 -5.16 -7.36 2.60
N MET B 194 -5.74 -7.20 1.41
N MET B 194 -5.67 -7.21 1.40
CA MET B 194 -6.82 -8.05 0.93
CA MET B 194 -6.73 -8.04 0.87
C MET B 194 -6.38 -8.68 -0.38
C MET B 194 -6.22 -8.75 -0.36
N ARG B 195 -6.67 -9.99 -0.54
CA ARG B 195 -6.35 -10.75 -1.73
C ARG B 195 -7.65 -11.37 -2.20
N GLU B 196 -7.96 -11.25 -3.50
CA GLU B 196 -9.23 -11.78 -3.95
C GLU B 196 -9.16 -12.45 -5.30
N TYR B 197 -10.04 -13.45 -5.49
CA TYR B 197 -10.29 -14.06 -6.77
C TYR B 197 -11.69 -13.60 -7.13
N VAL B 198 -11.84 -13.03 -8.32
CA VAL B 198 -13.08 -12.43 -8.80
C VAL B 198 -13.59 -13.14 -10.04
N CYS B 199 -14.91 -13.42 -10.09
CA CYS B 199 -15.54 -14.03 -11.27
C CYS B 199 -16.52 -13.06 -11.85
N ILE B 200 -16.43 -12.85 -13.18
CA ILE B 200 -17.34 -11.98 -13.92
C ILE B 200 -17.90 -12.82 -15.07
N GLY B 201 -19.22 -12.97 -15.13
CA GLY B 201 -19.86 -13.75 -16.20
C GLY B 201 -21.34 -13.96 -15.97
N THR B 202 -21.87 -15.14 -16.36
CA THR B 202 -23.29 -15.43 -16.18
C THR B 202 -23.53 -15.87 -14.76
N PRO B 203 -24.81 -15.92 -14.26
CA PRO B 203 -25.02 -16.47 -12.90
C PRO B 203 -24.48 -17.90 -12.78
N ASP B 204 -24.48 -18.70 -13.88
CA ASP B 204 -23.94 -20.08 -13.86
C ASP B 204 -22.43 -20.07 -13.57
N ASP B 205 -21.67 -19.19 -14.27
CA ASP B 205 -20.23 -19.00 -14.08
C ASP B 205 -19.91 -18.61 -12.63
N VAL B 206 -20.66 -17.65 -12.05
CA VAL B 206 -20.46 -17.15 -10.68
C VAL B 206 -20.79 -18.23 -9.64
N SER B 207 -21.91 -18.98 -9.85
CA SER B 207 -22.32 -20.08 -8.97
C SER B 207 -21.24 -21.18 -8.92
N ASP B 208 -20.72 -21.60 -10.10
CA ASP B 208 -19.68 -22.64 -10.20
C ASP B 208 -18.41 -22.19 -9.49
N PHE B 209 -18.07 -20.90 -9.64
CA PHE B 209 -16.89 -20.31 -9.04
C PHE B 209 -16.99 -20.27 -7.53
N ARG B 210 -18.16 -19.82 -7.03
CA ARG B 210 -18.52 -19.78 -5.60
C ARG B 210 -18.40 -21.19 -4.95
N GLU B 211 -19.01 -22.21 -5.58
CA GLU B 211 -19.01 -23.59 -5.11
C GLU B 211 -17.58 -24.07 -4.97
N ARG B 212 -16.84 -23.94 -6.05
CA ARG B 212 -15.44 -24.31 -6.17
C ARG B 212 -14.61 -23.68 -5.04
N TRP B 213 -14.76 -22.34 -4.85
CA TRP B 213 -14.02 -21.60 -3.82
C TRP B 213 -14.42 -21.84 -2.40
N MET B 214 -15.69 -22.16 -2.16
CA MET B 214 -16.09 -22.48 -0.79
C MET B 214 -15.46 -23.81 -0.35
N VAL B 215 -15.16 -24.70 -1.30
CA VAL B 215 -14.49 -25.99 -1.10
C VAL B 215 -12.99 -25.72 -0.92
N ARG B 216 -12.34 -25.04 -1.91
CA ARG B 216 -10.91 -24.68 -1.94
C ARG B 216 -10.47 -23.86 -0.74
N ALA B 217 -11.31 -22.92 -0.28
CA ALA B 217 -10.95 -22.09 0.87
C ALA B 217 -10.89 -22.86 2.16
N GLN B 218 -11.84 -23.81 2.35
CA GLN B 218 -11.86 -24.69 3.54
C GLN B 218 -10.67 -25.65 3.51
N ALA B 219 -10.27 -26.14 2.32
CA ALA B 219 -9.12 -27.02 2.13
C ALA B 219 -7.83 -26.29 2.51
N ILE B 220 -7.72 -24.99 2.14
CA ILE B 220 -6.59 -24.12 2.49
C ILE B 220 -6.51 -23.94 4.02
N ALA B 221 -7.61 -23.52 4.66
CA ALA B 221 -7.63 -23.32 6.11
C ALA B 221 -7.31 -24.62 6.88
N ARG B 222 -7.83 -25.75 6.40
CA ARG B 222 -7.62 -27.09 6.97
C ARG B 222 -6.14 -27.44 6.88
N ASP B 223 -5.52 -27.24 5.69
CA ASP B 223 -4.09 -27.49 5.49
C ASP B 223 -3.22 -26.57 6.34
N LEU B 224 -3.72 -25.35 6.66
CA LEU B 224 -3.02 -24.40 7.51
C LEU B 224 -3.16 -24.74 9.00
N GLY B 225 -3.94 -25.79 9.30
CA GLY B 225 -4.16 -26.26 10.67
C GLY B 225 -5.03 -25.31 11.47
N LEU B 226 -5.91 -24.55 10.76
CA LEU B 226 -6.78 -23.60 11.43
C LEU B 226 -8.10 -24.22 11.80
N THR B 227 -8.71 -23.74 12.90
CA THR B 227 -10.01 -24.19 13.36
C THR B 227 -10.99 -23.15 12.83
N PHE B 228 -12.05 -23.61 12.17
CA PHE B 228 -13.01 -22.70 11.60
C PHE B 228 -14.38 -23.33 11.42
N ARG B 229 -15.34 -22.49 11.02
CA ARG B 229 -16.67 -22.83 10.57
C ARG B 229 -17.02 -21.88 9.42
N VAL B 230 -17.84 -22.35 8.47
CA VAL B 230 -18.31 -21.51 7.38
C VAL B 230 -19.77 -21.20 7.75
N ASP B 231 -20.12 -19.92 7.80
CA ASP B 231 -21.47 -19.51 8.15
C ASP B 231 -21.99 -18.40 7.24
N TYR B 232 -23.32 -18.19 7.28
CA TYR B 232 -24.04 -17.13 6.58
C TYR B 232 -23.55 -15.81 7.18
N ALA B 233 -23.48 -14.75 6.38
CA ALA B 233 -22.96 -13.48 6.86
C ALA B 233 -23.66 -12.21 6.34
N SER B 234 -23.24 -11.06 6.91
CA SER B 234 -23.68 -9.71 6.56
C SER B 234 -22.54 -8.70 6.71
N ASP B 235 -22.52 -7.69 5.82
CA ASP B 235 -21.56 -6.59 5.81
C ASP B 235 -21.99 -5.58 6.89
N PRO B 236 -21.07 -4.79 7.50
CA PRO B 236 -21.50 -3.86 8.56
C PRO B 236 -22.13 -2.55 8.04
N PHE B 237 -23.32 -2.63 7.39
CA PHE B 237 -24.01 -1.45 6.87
C PHE B 237 -24.32 -0.40 7.96
N PHE B 238 -23.93 0.86 7.70
CA PHE B 238 -24.10 2.01 8.60
C PHE B 238 -25.56 2.39 8.90
N GLY B 239 -25.79 2.81 10.14
CA GLY B 239 -27.06 3.33 10.63
C GLY B 239 -28.15 2.32 10.86
N ARG B 240 -29.35 2.84 11.20
CA ARG B 240 -30.53 2.02 11.46
C ARG B 240 -31.07 1.36 10.21
N VAL B 241 -31.08 2.08 9.07
CA VAL B 241 -31.51 1.59 7.75
C VAL B 241 -30.57 0.46 7.25
N GLY B 242 -29.33 0.50 7.74
CA GLY B 242 -28.28 -0.48 7.45
C GLY B 242 -28.44 -1.79 8.19
N GLN B 243 -28.95 -1.74 9.46
CA GLN B 243 -29.22 -2.93 10.28
C GLN B 243 -30.21 -3.84 9.56
N MET B 244 -31.22 -3.26 8.87
CA MET B 244 -32.17 -4.03 8.08
C MET B 244 -31.55 -4.55 6.78
N LYS B 245 -30.54 -3.85 6.23
CA LYS B 245 -29.79 -4.26 5.02
C LYS B 245 -28.96 -5.50 5.35
N ALA B 246 -28.40 -5.55 6.59
CA ALA B 246 -27.60 -6.66 7.12
C ALA B 246 -28.47 -7.91 7.29
N VAL B 247 -29.69 -7.72 7.85
CA VAL B 247 -30.71 -8.75 8.04
C VAL B 247 -31.13 -9.32 6.66
N SER B 248 -31.42 -8.42 5.69
CA SER B 248 -31.82 -8.76 4.33
C SER B 248 -30.68 -9.46 3.58
N GLN B 249 -29.41 -9.09 3.86
CA GLN B 249 -28.24 -9.70 3.23
C GLN B 249 -28.02 -11.13 3.77
N LYS B 250 -28.17 -11.33 5.10
CA LYS B 250 -28.00 -12.63 5.77
C LYS B 250 -29.13 -13.62 5.43
N GLN B 251 -30.37 -13.11 5.19
CA GLN B 251 -31.55 -13.92 4.82
C GLN B 251 -31.32 -14.51 3.43
N GLN B 252 -30.69 -13.69 2.56
CA GLN B 252 -30.23 -14.08 1.23
C GLN B 252 -28.89 -14.79 1.47
N GLN B 253 -28.36 -15.51 0.49
CA GLN B 253 -27.09 -16.20 0.75
C GLN B 253 -25.91 -15.45 0.10
N LEU B 254 -26.12 -14.13 -0.13
CA LEU B 254 -25.19 -13.18 -0.75
C LEU B 254 -23.78 -13.17 -0.16
N LYS B 255 -23.62 -13.56 1.12
CA LYS B 255 -22.33 -13.53 1.80
C LYS B 255 -22.09 -14.71 2.73
N PHE B 256 -21.02 -15.46 2.47
CA PHE B 256 -20.54 -16.56 3.31
C PHE B 256 -19.17 -16.14 3.87
N GLU B 257 -18.89 -16.53 5.11
CA GLU B 257 -17.64 -16.19 5.78
C GLU B 257 -17.02 -17.40 6.42
N LEU B 258 -15.68 -17.47 6.40
CA LEU B 258 -14.92 -18.51 7.04
C LEU B 258 -14.47 -17.85 8.32
N LEU B 259 -15.02 -18.33 9.44
CA LEU B 259 -14.82 -17.74 10.75
C LEU B 259 -13.88 -18.57 11.59
N ILE B 260 -12.92 -17.90 12.24
CA ILE B 260 -11.89 -18.54 13.04
C ILE B 260 -11.94 -17.97 14.46
N PRO B 261 -12.04 -18.82 15.52
CA PRO B 261 -12.04 -18.28 16.89
C PRO B 261 -10.69 -17.65 17.22
N LEU B 262 -10.64 -16.33 17.43
CA LEU B 262 -9.39 -15.59 17.69
C LEU B 262 -9.41 -14.96 19.08
N ARG B 263 -10.57 -14.41 19.48
CA ARG B 263 -10.78 -13.83 20.80
C ARG B 263 -11.59 -14.81 21.63
N SER B 264 -12.60 -15.45 20.99
CA SER B 264 -13.50 -16.43 21.59
C SER B 264 -14.15 -17.26 20.50
N GLU B 265 -14.72 -18.41 20.89
CA GLU B 265 -15.45 -19.31 19.99
C GLU B 265 -16.85 -18.72 19.73
N GLU B 266 -17.36 -17.90 20.66
CA GLU B 266 -18.66 -17.23 20.56
C GLU B 266 -18.64 -16.09 19.53
N GLN B 267 -17.52 -15.32 19.51
CA GLN B 267 -17.30 -14.20 18.60
C GLN B 267 -16.08 -14.48 17.68
N PRO B 268 -16.19 -15.40 16.66
CA PRO B 268 -15.02 -15.66 15.80
C PRO B 268 -14.72 -14.54 14.81
N THR B 269 -13.56 -14.59 14.17
CA THR B 269 -13.13 -13.57 13.21
C THR B 269 -13.27 -14.08 11.78
N ALA B 270 -13.95 -13.29 10.91
CA ALA B 270 -14.09 -13.60 9.50
C ALA B 270 -12.71 -13.37 8.83
N CYS B 271 -12.08 -14.45 8.36
CA CYS B 271 -10.76 -14.38 7.75
C CYS B 271 -10.83 -14.54 6.26
N MET B 272 -11.97 -14.99 5.77
CA MET B 272 -12.27 -15.11 4.36
C MET B 272 -13.75 -14.86 4.17
N SER B 273 -14.14 -14.49 2.96
CA SER B 273 -15.55 -14.31 2.61
C SER B 273 -15.77 -14.65 1.15
N PHE B 274 -17.02 -15.04 0.83
CA PHE B 274 -17.48 -15.23 -0.53
C PHE B 274 -18.64 -14.27 -0.64
N ASN B 275 -18.58 -13.41 -1.64
CA ASN B 275 -19.58 -12.38 -1.86
C ASN B 275 -20.19 -12.53 -3.24
N TYR B 276 -21.52 -12.44 -3.30
CA TYR B 276 -22.24 -12.48 -4.57
C TYR B 276 -22.82 -11.11 -4.76
N HIS B 277 -22.52 -10.49 -5.88
CA HIS B 277 -22.98 -9.13 -6.12
C HIS B 277 -24.18 -9.03 -7.06
N ARG B 278 -24.73 -10.16 -7.53
CA ARG B 278 -25.81 -10.16 -8.53
C ARG B 278 -25.28 -9.42 -9.76
N GLU B 279 -26.11 -8.64 -10.44
CA GLU B 279 -25.66 -7.89 -11.61
C GLU B 279 -25.34 -6.41 -11.28
N HIS B 280 -25.20 -6.09 -9.98
CA HIS B 280 -24.86 -4.73 -9.52
C HIS B 280 -23.71 -4.12 -10.31
N PHE B 281 -22.53 -4.80 -10.36
CA PHE B 281 -21.39 -4.29 -11.13
C PHE B 281 -21.54 -4.40 -12.63
N GLY B 282 -22.21 -5.47 -13.11
CA GLY B 282 -22.48 -5.65 -14.53
C GLY B 282 -23.32 -4.51 -15.08
N THR B 283 -24.36 -4.12 -14.34
CA THR B 283 -25.27 -3.02 -14.69
C THR B 283 -24.56 -1.65 -14.58
N THR B 284 -23.87 -1.40 -13.45
CA THR B 284 -23.14 -0.14 -13.20
C THR B 284 -22.13 0.16 -14.30
N TRP B 285 -21.34 -0.84 -14.67
CA TRP B 285 -20.27 -0.63 -15.65
C TRP B 285 -20.58 -1.03 -17.08
N GLY B 286 -21.77 -1.55 -17.32
CA GLY B 286 -22.16 -2.00 -18.65
C GLY B 286 -21.36 -3.20 -19.10
N ILE B 287 -21.12 -4.17 -18.18
CA ILE B 287 -20.40 -5.39 -18.56
C ILE B 287 -21.47 -6.36 -19.10
N GLN B 288 -21.31 -6.79 -20.35
CA GLN B 288 -22.25 -7.74 -20.91
C GLN B 288 -21.64 -9.13 -21.07
N ASP B 289 -22.35 -10.18 -20.62
CA ASP B 289 -21.86 -11.56 -20.74
C ASP B 289 -21.90 -12.00 -22.22
N ALA B 290 -21.47 -13.24 -22.52
CA ALA B 290 -21.46 -13.77 -23.90
C ALA B 290 -22.86 -13.83 -24.56
N ASN B 291 -23.95 -13.81 -23.75
CA ASN B 291 -25.35 -13.84 -24.19
C ASN B 291 -25.96 -12.42 -24.35
N GLY B 292 -25.14 -11.38 -24.18
CA GLY B 292 -25.56 -9.98 -24.29
C GLY B 292 -26.33 -9.43 -23.10
N GLU B 293 -26.37 -10.17 -21.97
CA GLU B 293 -27.07 -9.78 -20.75
C GLU B 293 -26.12 -9.09 -19.73
N PRO B 294 -26.61 -8.27 -18.75
CA PRO B 294 -25.68 -7.67 -17.76
C PRO B 294 -25.02 -8.76 -16.91
N ALA B 295 -23.68 -8.75 -16.86
CA ALA B 295 -22.88 -9.74 -16.15
C ALA B 295 -23.12 -9.75 -14.68
N HIS B 296 -23.03 -10.94 -14.09
CA HIS B 296 -23.12 -11.13 -12.67
C HIS B 296 -21.67 -11.26 -12.17
N THR B 297 -21.43 -10.89 -10.92
CA THR B 297 -20.08 -11.00 -10.38
C THR B 297 -20.14 -11.55 -8.97
N GLY B 298 -19.04 -12.19 -8.60
CA GLY B 298 -18.80 -12.66 -7.26
C GLY B 298 -17.32 -12.63 -6.96
N CYS B 299 -16.96 -12.69 -5.68
CA CYS B 299 -15.55 -12.71 -5.29
C CYS B 299 -15.31 -13.52 -4.04
N VAL B 300 -14.11 -14.15 -3.97
CA VAL B 300 -13.61 -14.85 -2.79
C VAL B 300 -12.51 -13.94 -2.24
N ALA B 301 -12.70 -13.42 -1.03
CA ALA B 301 -11.78 -12.49 -0.41
C ALA B 301 -11.01 -13.13 0.75
N PHE B 302 -9.68 -12.97 0.74
CA PHE B 302 -8.80 -13.46 1.78
C PHE B 302 -8.26 -12.26 2.56
N GLY B 303 -8.56 -12.19 3.85
CA GLY B 303 -8.00 -11.15 4.72
C GLY B 303 -6.61 -11.59 5.11
N MET B 304 -5.57 -11.07 4.41
CA MET B 304 -4.15 -11.47 4.61
C MET B 304 -3.63 -11.26 6.02
N ASP B 305 -3.97 -10.12 6.61
CA ASP B 305 -3.60 -9.77 7.98
C ASP B 305 -4.33 -10.58 9.02
N ARG B 306 -5.63 -10.88 8.78
CA ARG B 306 -6.40 -11.72 9.70
C ARG B 306 -5.90 -13.16 9.65
N LEU B 307 -5.57 -13.66 8.45
CA LEU B 307 -5.03 -15.00 8.25
C LEU B 307 -3.67 -15.15 8.93
N ALA B 308 -2.78 -14.16 8.79
CA ALA B 308 -1.47 -14.18 9.43
C ALA B 308 -1.65 -14.14 10.95
N VAL B 309 -2.50 -13.23 11.47
CA VAL B 309 -2.79 -13.14 12.91
C VAL B 309 -3.37 -14.51 13.40
N ALA B 310 -4.30 -15.11 12.62
CA ALA B 310 -4.90 -16.40 12.92
C ALA B 310 -3.81 -17.49 13.04
N MET B 311 -2.81 -17.48 12.12
CA MET B 311 -1.68 -18.41 12.11
C MET B 311 -0.84 -18.30 13.36
N PHE B 312 -0.48 -17.06 13.75
CA PHE B 312 0.34 -16.83 14.93
C PHE B 312 -0.41 -17.13 16.23
N HIS B 313 -1.72 -16.85 16.26
CA HIS B 313 -2.51 -17.14 17.44
C HIS B 313 -2.67 -18.65 17.62
N THR B 314 -2.86 -19.38 16.51
CA THR B 314 -3.04 -20.82 16.49
C THR B 314 -1.75 -21.57 16.80
N HIS B 315 -0.67 -21.24 16.09
CA HIS B 315 0.57 -21.98 16.14
C HIS B 315 1.70 -21.36 16.93
N GLY B 316 1.53 -20.13 17.40
CA GLY B 316 2.56 -19.43 18.17
C GLY B 316 3.53 -18.70 17.28
N THR B 317 4.41 -17.91 17.91
CA THR B 317 5.39 -17.07 17.21
C THR B 317 6.71 -17.74 16.86
N ASP B 318 6.88 -19.01 17.23
CA ASP B 318 8.11 -19.76 16.97
C ASP B 318 7.83 -20.68 15.78
N LEU B 319 8.29 -20.28 14.60
CA LEU B 319 8.08 -21.04 13.36
C LEU B 319 8.63 -22.47 13.42
N SER B 320 9.74 -22.68 14.15
CA SER B 320 10.38 -24.01 14.28
C SER B 320 9.50 -25.03 14.95
N ALA B 321 8.52 -24.58 15.75
CA ALA B 321 7.55 -25.42 16.44
C ALA B 321 6.22 -25.55 15.66
N TRP B 322 6.12 -24.97 14.46
CA TRP B 322 4.87 -25.10 13.69
C TRP B 322 4.73 -26.53 13.18
N PRO B 323 3.52 -27.11 13.04
CA PRO B 323 3.45 -28.50 12.51
C PRO B 323 4.16 -28.63 11.16
N ALA B 324 4.82 -29.79 10.94
CA ALA B 324 5.57 -30.11 9.73
C ALA B 324 4.79 -29.89 8.42
N LYS B 325 3.50 -30.26 8.38
CA LYS B 325 2.67 -30.11 7.17
C LYS B 325 2.40 -28.63 6.85
N VAL B 326 2.25 -27.81 7.87
CA VAL B 326 2.05 -26.37 7.77
C VAL B 326 3.33 -25.71 7.27
N ARG B 327 4.49 -26.07 7.89
CA ARG B 327 5.82 -25.57 7.49
C ARG B 327 6.09 -25.97 6.05
N ASP B 328 5.69 -27.20 5.65
CA ASP B 328 5.86 -27.68 4.27
C ASP B 328 5.05 -26.87 3.26
N ILE B 329 3.72 -26.70 3.46
CA ILE B 329 2.88 -25.92 2.54
C ILE B 329 3.27 -24.45 2.41
N LEU B 330 3.92 -23.88 3.47
CA LEU B 330 4.39 -22.50 3.48
C LEU B 330 5.84 -22.39 3.02
N GLY B 331 6.43 -23.52 2.61
CA GLY B 331 7.82 -23.57 2.14
C GLY B 331 8.84 -23.27 3.21
N LEU B 332 8.49 -23.50 4.48
CA LEU B 332 9.39 -23.23 5.60
C LEU B 332 10.31 -24.43 5.85
N GLN B 333 10.01 -25.57 5.21
CA GLN B 333 10.75 -26.83 5.34
C GLN B 333 10.82 -27.52 3.98
#